data_3PX7
#
_entry.id   3PX7
#
_cell.length_a   61.602
_cell.length_b   91.759
_cell.length_c   141.976
_cell.angle_alpha   90.00
_cell.angle_beta   90.00
_cell.angle_gamma   90.00
#
_symmetry.space_group_name_H-M   'P 21 21 21'
#
loop_
_entity.id
_entity.type
_entity.pdbx_description
1 polymer 'DNA topoisomerase'
2 polymer "DNA 5'-D(*TP*TP*GP*GP*G)-3'"
3 polymer "DNA 5'-D(*A*AP*TP*GP*CP*GP*CP*T)-3'"
4 non-polymer 'MERCURY (II) ION'
5 water water
#
loop_
_entity_poly.entity_id
_entity_poly.type
_entity_poly.pdbx_seq_one_letter_code
_entity_poly.pdbx_strand_id
1 'polypeptide(L)'
;MGKALVIVESPAKAKTINKYLGSDYVVKSSVGHIRDLPTSGSAAKKSADSTSTKTAKKPKKDERGALVNRMGVDPWHNWE
AHYEVLPGKEKVVSELKQLAEKADHIYLATNLDREGEAIAWHLREVIGGDDARYSRVVFNEITKNAIRQAFNKPGELNID
RVNAQQARRFMDRVVGYMVSPLLWKKIARGLSAGRVQSVAVRLVVEREREIKAFVPEEFWEVDASTTTPSGEALALQVTH
QNDKPFRPVNKEQTQAAVSLLEKARYSVLEREDKPTTSKPGAPFITSTLQQAASTRLGFGVKKTMMMAQRLYEAGYIT
(PTR)MRTDSTNLSQDAVNMVRGYISDNFGKKYLPESPNQYASKENSQEAHEAIRPSDVNVMAESLKDMEADAQKLYQLI
WRQFVACQMTPAKYDSTTLTVGAGDFRLKARGRILRFDGWTKVMPALRKGDEDRILPAVNKGDALTLVELTPAQHFTKPP
ARFSEASLVKELEKRGIGRPSTYASIISTIQDRGYVRVENRRFYAEKMGEIVTDRLEENFRELMNYDFTAQMENSLDQVA
NHEAEWKAVLDHFFSDFTQQLDKAEKDPEEGGMRPNQMVLT
;
A
2 'polydeoxyribonucleotide' (DT)(DT)(DG)(DG)(DG) B
3 'polydeoxyribonucleotide' (DA)(DA)(DT)(DG)(DC)(DG)(DC)(DT) C
#
# COMPACT_ATOMS: atom_id res chain seq x y z
N GLY A 2 39.26 5.20 21.77
CA GLY A 2 39.45 4.67 20.39
C GLY A 2 38.35 5.11 19.43
N LYS A 3 38.30 4.49 18.26
CA LYS A 3 37.28 4.83 17.27
C LYS A 3 35.99 4.03 17.50
N ALA A 4 34.85 4.70 17.34
CA ALA A 4 33.55 4.08 17.54
C ALA A 4 33.01 3.50 16.24
N LEU A 5 32.47 2.29 16.32
CA LEU A 5 31.90 1.61 15.17
C LEU A 5 30.38 1.69 15.18
N VAL A 6 29.81 2.30 14.15
CA VAL A 6 28.37 2.43 14.03
C VAL A 6 27.87 1.56 12.87
N ILE A 7 26.76 0.86 13.10
CA ILE A 7 26.20 -0.02 12.07
C ILE A 7 24.72 0.27 11.78
N VAL A 8 24.42 0.51 10.52
CA VAL A 8 23.05 0.78 10.08
C VAL A 8 22.66 -0.26 9.02
N GLU A 9 21.41 -0.21 8.56
CA GLU A 9 20.94 -1.18 7.57
C GLU A 9 21.24 -0.83 6.11
N SER A 10 20.94 0.41 5.73
CA SER A 10 21.16 0.84 4.35
C SER A 10 22.48 1.56 4.14
N PRO A 11 23.27 1.14 3.14
CA PRO A 11 24.57 1.74 2.82
C PRO A 11 24.45 3.24 2.54
N ALA A 12 23.48 3.62 1.73
CA ALA A 12 23.27 5.02 1.41
C ALA A 12 23.12 5.85 2.68
N LYS A 13 22.37 5.33 3.65
CA LYS A 13 22.14 6.02 4.91
C LYS A 13 23.43 6.11 5.71
N ALA A 14 24.29 5.12 5.58
CA ALA A 14 25.56 5.10 6.30
C ALA A 14 26.45 6.24 5.79
N LYS A 15 26.71 6.23 4.49
CA LYS A 15 27.54 7.25 3.88
C LYS A 15 27.10 8.64 4.36
N THR A 16 25.79 8.81 4.46
CA THR A 16 25.21 10.09 4.89
C THR A 16 25.47 10.37 6.37
N ILE A 17 25.47 9.32 7.19
CA ILE A 17 25.71 9.48 8.62
C ILE A 17 27.17 9.77 8.89
N ASN A 18 28.05 9.01 8.24
CA ASN A 18 29.49 9.19 8.41
C ASN A 18 29.86 10.64 8.14
N LYS A 19 29.12 11.29 7.25
CA LYS A 19 29.35 12.69 6.90
C LYS A 19 29.03 13.59 8.10
N TYR A 20 27.76 13.64 8.48
CA TYR A 20 27.31 14.46 9.61
C TYR A 20 27.92 13.94 10.92
N LEU A 21 29.10 13.35 10.83
CA LEU A 21 29.79 12.79 11.99
C LEU A 21 31.30 12.75 11.72
N GLY A 22 31.66 12.78 10.43
CA GLY A 22 33.06 12.75 10.03
C GLY A 22 33.90 11.59 10.52
N SER A 23 35.19 11.84 10.68
CA SER A 23 36.13 10.82 11.15
C SER A 23 35.89 10.54 12.63
N ASP A 24 36.84 9.86 13.26
CA ASP A 24 36.74 9.50 14.67
C ASP A 24 35.79 8.30 14.80
N TYR A 25 34.82 8.21 13.89
CA TYR A 25 33.85 7.11 13.87
C TYR A 25 33.95 6.34 12.55
N VAL A 26 33.53 5.08 12.58
CA VAL A 26 33.55 4.24 11.39
C VAL A 26 32.16 3.68 11.12
N VAL A 27 31.43 4.31 10.21
CA VAL A 27 30.06 3.89 9.87
C VAL A 27 30.05 2.83 8.78
N LYS A 28 29.16 1.86 8.92
CA LYS A 28 29.04 0.78 7.94
C LYS A 28 27.59 0.29 7.98
N SER A 29 27.25 -0.63 7.07
CA SER A 29 25.89 -1.16 7.03
C SER A 29 25.86 -2.68 6.88
N SER A 30 24.83 -3.31 7.46
CA SER A 30 24.67 -4.75 7.39
C SER A 30 24.09 -5.11 6.03
N VAL A 31 23.48 -4.13 5.39
CA VAL A 31 22.88 -4.33 4.07
C VAL A 31 21.84 -5.45 4.14
N GLY A 32 20.96 -5.39 5.12
CA GLY A 32 19.96 -6.42 5.26
C GLY A 32 20.05 -7.19 6.55
N HIS A 33 19.75 -8.49 6.50
CA HIS A 33 19.75 -9.34 7.69
C HIS A 33 21.05 -10.04 8.07
N ILE A 34 21.89 -10.33 7.10
CA ILE A 34 23.17 -11.03 7.32
C ILE A 34 23.00 -12.48 7.77
N ARG A 35 21.92 -12.78 8.50
CA ARG A 35 21.71 -14.13 9.00
C ARG A 35 20.23 -14.52 9.04
N ASP A 36 19.93 -15.79 8.79
CA ASP A 36 18.56 -16.28 8.81
C ASP A 36 18.51 -17.80 8.79
N LEU A 37 17.30 -18.35 8.70
CA LEU A 37 17.15 -19.80 8.66
C LEU A 37 17.62 -20.31 7.30
N PRO A 38 18.00 -21.59 7.21
CA PRO A 38 18.46 -22.12 5.92
C PRO A 38 17.41 -22.04 4.81
N ASP A 62 4.47 -37.42 15.03
CA ASP A 62 4.99 -36.37 15.90
C ASP A 62 6.03 -35.52 15.18
N GLU A 63 7.29 -35.65 15.56
CA GLU A 63 8.36 -34.88 14.94
C GLU A 63 9.24 -35.71 14.01
N ARG A 64 9.93 -35.03 13.11
CA ARG A 64 10.81 -35.67 12.14
C ARG A 64 12.12 -34.89 12.13
N GLY A 65 13.23 -35.61 12.28
CA GLY A 65 14.52 -34.95 12.30
C GLY A 65 14.89 -34.26 11.00
N ALA A 66 14.52 -34.87 9.88
CA ALA A 66 14.81 -34.29 8.57
C ALA A 66 14.06 -32.98 8.41
N LEU A 67 12.79 -33.00 8.79
CA LEU A 67 11.94 -31.82 8.71
C LEU A 67 12.50 -30.70 9.56
N VAL A 68 12.96 -31.05 10.77
CA VAL A 68 13.52 -30.06 11.66
C VAL A 68 14.84 -29.51 11.13
N ASN A 69 15.64 -30.37 10.51
CA ASN A 69 16.92 -29.95 9.95
C ASN A 69 16.64 -28.96 8.81
N ARG A 70 15.61 -29.27 8.03
CA ARG A 70 15.24 -28.40 6.92
C ARG A 70 14.68 -27.05 7.40
N MET A 71 13.78 -27.07 8.37
CA MET A 71 13.19 -25.84 8.89
C MET A 71 14.17 -24.93 9.61
N GLY A 72 15.09 -25.54 10.35
CA GLY A 72 16.06 -24.74 11.09
C GLY A 72 15.53 -24.32 12.44
N VAL A 73 14.42 -24.93 12.85
CA VAL A 73 13.81 -24.62 14.13
C VAL A 73 13.09 -25.88 14.62
N ASP A 74 13.15 -26.15 15.92
CA ASP A 74 12.55 -27.36 16.45
C ASP A 74 11.37 -27.08 17.36
N PRO A 75 10.14 -27.20 16.82
CA PRO A 75 8.89 -26.96 17.55
C PRO A 75 8.68 -27.94 18.68
N TRP A 76 9.41 -29.05 18.62
CA TRP A 76 9.31 -30.09 19.62
C TRP A 76 10.44 -30.04 20.65
N HIS A 77 11.31 -29.05 20.52
CA HIS A 77 12.42 -28.89 21.45
C HIS A 77 12.58 -27.43 21.85
N ASN A 78 11.51 -26.89 22.39
CA ASN A 78 11.44 -25.51 22.85
C ASN A 78 11.95 -24.48 21.84
N TRP A 79 11.66 -24.73 20.58
CA TRP A 79 12.02 -23.84 19.49
C TRP A 79 13.50 -23.51 19.29
N GLU A 80 14.38 -24.46 19.54
CA GLU A 80 15.80 -24.23 19.33
C GLU A 80 15.97 -23.99 17.83
N ALA A 81 16.75 -22.97 17.46
CA ALA A 81 16.94 -22.64 16.06
C ALA A 81 18.39 -22.73 15.58
N HIS A 82 18.55 -22.73 14.26
CA HIS A 82 19.87 -22.81 13.65
C HIS A 82 20.04 -21.72 12.58
N TYR A 83 20.41 -20.53 13.01
CA TYR A 83 20.63 -19.44 12.08
C TYR A 83 21.96 -19.64 11.37
N GLU A 84 22.11 -19.03 10.19
CA GLU A 84 23.35 -19.13 9.44
C GLU A 84 23.46 -18.01 8.41
N VAL A 85 24.62 -17.38 8.37
CA VAL A 85 24.88 -16.28 7.45
C VAL A 85 24.34 -16.55 6.06
N LEU A 86 23.76 -15.50 5.44
CA LEU A 86 23.21 -15.60 4.10
C LEU A 86 24.33 -15.88 3.10
N PRO A 87 24.11 -16.81 2.18
CA PRO A 87 25.09 -17.19 1.15
C PRO A 87 25.61 -16.04 0.31
N GLY A 88 25.19 -14.81 0.65
CA GLY A 88 25.64 -13.66 -0.10
C GLY A 88 26.04 -12.50 0.79
N LYS A 89 26.36 -12.80 2.05
CA LYS A 89 26.76 -11.75 2.99
C LYS A 89 28.07 -12.11 3.69
N GLU A 90 28.74 -13.15 3.18
CA GLU A 90 30.02 -13.61 3.74
C GLU A 90 31.00 -12.44 3.86
N LYS A 91 31.20 -11.72 2.76
CA LYS A 91 32.11 -10.58 2.74
C LYS A 91 31.69 -9.56 3.79
N VAL A 92 30.45 -9.09 3.69
CA VAL A 92 29.90 -8.10 4.61
C VAL A 92 30.20 -8.50 6.05
N VAL A 93 29.84 -9.73 6.41
CA VAL A 93 30.07 -10.22 7.76
C VAL A 93 31.57 -10.21 8.07
N SER A 94 32.37 -10.71 7.13
CA SER A 94 33.81 -10.76 7.30
C SER A 94 34.43 -9.37 7.47
N GLU A 95 34.18 -8.49 6.51
CA GLU A 95 34.74 -7.15 6.60
C GLU A 95 34.28 -6.45 7.88
N LEU A 96 33.14 -6.88 8.41
CA LEU A 96 32.61 -6.31 9.64
C LEU A 96 33.34 -6.88 10.85
N LYS A 97 33.90 -8.07 10.66
CA LYS A 97 34.64 -8.74 11.73
C LYS A 97 35.87 -7.95 12.14
N GLN A 98 36.86 -7.89 11.24
CA GLN A 98 38.10 -7.18 11.52
C GLN A 98 37.89 -5.75 11.99
N LEU A 99 36.84 -5.10 11.48
CA LEU A 99 36.55 -3.73 11.87
C LEU A 99 36.19 -3.64 13.36
N ALA A 100 35.76 -4.74 13.94
CA ALA A 100 35.39 -4.77 15.35
C ALA A 100 36.61 -4.66 16.26
N GLU A 101 37.80 -4.88 15.68
CA GLU A 101 39.06 -4.80 16.44
C GLU A 101 39.40 -3.36 16.82
N LYS A 102 39.63 -2.53 15.81
CA LYS A 102 39.98 -1.13 16.01
C LYS A 102 38.78 -0.32 16.55
N ALA A 103 37.81 -1.02 17.13
CA ALA A 103 36.63 -0.36 17.66
C ALA A 103 36.55 -0.44 19.19
N ASP A 104 36.29 0.69 19.82
CA ASP A 104 36.19 0.77 21.27
C ASP A 104 34.83 0.29 21.73
N HIS A 105 33.79 0.98 21.27
CA HIS A 105 32.42 0.65 21.62
C HIS A 105 31.57 0.58 20.34
N ILE A 106 30.93 -0.57 20.11
CA ILE A 106 30.11 -0.79 18.93
C ILE A 106 28.68 -0.27 19.10
N TYR A 107 28.27 0.60 18.18
CA TYR A 107 26.92 1.19 18.22
C TYR A 107 25.97 0.64 17.16
N LEU A 108 25.07 -0.24 17.59
CA LEU A 108 24.07 -0.84 16.69
C LEU A 108 23.00 0.21 16.44
N ALA A 109 22.94 0.70 15.20
CA ALA A 109 21.97 1.73 14.83
C ALA A 109 20.96 1.31 13.77
N THR A 110 20.35 0.15 13.96
CA THR A 110 19.34 -0.33 13.03
C THR A 110 18.00 0.29 13.40
N ASN A 111 16.98 0.03 12.59
CA ASN A 111 15.64 0.57 12.84
C ASN A 111 15.10 0.12 14.20
N LEU A 112 14.24 0.96 14.78
CA LEU A 112 13.67 0.66 16.09
C LEU A 112 12.58 -0.44 16.11
N ASP A 113 12.04 -0.79 14.94
CA ASP A 113 11.02 -1.84 14.89
C ASP A 113 11.63 -3.20 15.24
N ARG A 114 10.81 -4.24 15.31
CA ARG A 114 11.33 -5.55 15.67
C ARG A 114 12.28 -6.18 14.65
N GLU A 115 12.08 -5.92 13.36
CA GLU A 115 12.98 -6.48 12.35
C GLU A 115 14.37 -5.86 12.54
N GLY A 116 14.41 -4.53 12.64
CA GLY A 116 15.68 -3.86 12.85
C GLY A 116 16.32 -4.32 14.15
N GLU A 117 15.49 -4.49 15.18
CA GLU A 117 15.98 -4.92 16.49
C GLU A 117 16.66 -6.29 16.38
N ALA A 118 16.10 -7.15 15.53
CA ALA A 118 16.63 -8.49 15.34
C ALA A 118 17.95 -8.46 14.56
N ILE A 119 18.08 -7.54 13.61
CA ILE A 119 19.30 -7.44 12.83
C ILE A 119 20.41 -7.06 13.79
N ALA A 120 20.08 -6.20 14.76
CA ALA A 120 21.05 -5.77 15.76
C ALA A 120 21.46 -6.97 16.62
N TRP A 121 20.48 -7.76 16.99
CA TRP A 121 20.73 -8.95 17.81
C TRP A 121 21.66 -9.92 17.10
N HIS A 122 21.43 -10.12 15.81
CA HIS A 122 22.27 -11.04 15.03
C HIS A 122 23.68 -10.51 14.87
N LEU A 123 23.81 -9.20 14.63
CA LEU A 123 25.13 -8.59 14.50
C LEU A 123 25.91 -8.85 15.78
N ARG A 124 25.29 -8.57 16.92
CA ARG A 124 25.94 -8.75 18.21
C ARG A 124 26.38 -10.20 18.47
N GLU A 125 25.67 -11.16 17.91
CA GLU A 125 26.05 -12.55 18.11
C GLU A 125 26.99 -13.10 17.06
N VAL A 126 27.19 -12.34 15.99
CA VAL A 126 28.09 -12.77 14.93
C VAL A 126 29.46 -12.11 15.10
N ILE A 127 29.46 -10.95 15.74
CA ILE A 127 30.70 -10.22 15.96
C ILE A 127 31.32 -10.62 17.29
N GLY A 128 30.49 -11.16 18.18
CA GLY A 128 30.97 -11.58 19.48
C GLY A 128 31.43 -10.41 20.33
N GLY A 129 32.10 -10.72 21.43
CA GLY A 129 32.57 -9.68 22.33
C GLY A 129 31.76 -9.69 23.61
N ASP A 130 31.82 -8.60 24.38
CA ASP A 130 31.08 -8.53 25.62
C ASP A 130 29.95 -7.51 25.51
N ASP A 131 28.83 -7.82 26.15
CA ASP A 131 27.64 -6.97 26.15
C ASP A 131 27.95 -5.47 26.28
N ALA A 132 28.78 -5.13 27.26
CA ALA A 132 29.15 -3.73 27.51
C ALA A 132 29.80 -3.05 26.31
N ARG A 133 30.35 -3.85 25.41
CA ARG A 133 31.01 -3.33 24.21
C ARG A 133 29.97 -2.94 23.15
N TYR A 134 28.70 -3.17 23.46
CA TYR A 134 27.61 -2.87 22.52
C TYR A 134 26.64 -1.83 23.04
N SER A 135 26.16 -0.97 22.14
CA SER A 135 25.20 0.06 22.49
C SER A 135 24.18 0.21 21.38
N ARG A 136 22.98 0.65 21.74
CA ARG A 136 21.92 0.81 20.76
C ARG A 136 21.53 2.28 20.59
N VAL A 137 21.60 2.76 19.37
CA VAL A 137 21.26 4.15 19.08
C VAL A 137 20.28 4.23 17.92
N VAL A 138 19.39 5.22 17.99
CA VAL A 138 18.39 5.43 16.94
C VAL A 138 18.53 6.82 16.34
N PHE A 139 18.69 6.87 15.02
CA PHE A 139 18.83 8.14 14.32
C PHE A 139 17.47 8.67 13.87
N ASN A 140 17.14 9.86 14.33
CA ASN A 140 15.87 10.50 14.00
C ASN A 140 15.90 10.87 12.51
N GLU A 141 16.73 11.85 12.17
CA GLU A 141 16.89 12.29 10.79
C GLU A 141 18.37 12.47 10.48
N ILE A 142 18.66 13.00 9.30
CA ILE A 142 20.03 13.22 8.87
C ILE A 142 20.57 14.51 9.50
N THR A 143 19.66 15.45 9.78
CA THR A 143 20.03 16.73 10.38
C THR A 143 20.95 16.48 11.58
N LYS A 144 21.86 17.42 11.83
CA LYS A 144 22.79 17.30 12.95
C LYS A 144 22.02 17.37 14.26
N ASN A 145 20.83 17.95 14.21
CA ASN A 145 19.97 18.07 15.39
C ASN A 145 19.43 16.69 15.76
N ALA A 146 19.79 15.68 14.96
CA ALA A 146 19.34 14.31 15.19
C ALA A 146 20.51 13.36 15.39
N ILE A 147 21.44 13.34 14.43
CA ILE A 147 22.61 12.45 14.53
C ILE A 147 23.38 12.70 15.81
N ARG A 148 23.13 13.84 16.44
CA ARG A 148 23.79 14.20 17.69
C ARG A 148 23.05 13.56 18.85
N GLN A 149 21.75 13.84 18.95
CA GLN A 149 20.91 13.29 20.00
C GLN A 149 20.97 11.76 19.99
N ALA A 150 21.40 11.20 18.88
CA ALA A 150 21.50 9.75 18.74
C ALA A 150 22.40 9.16 19.83
N PHE A 151 23.60 9.70 19.97
CA PHE A 151 24.53 9.21 20.99
C PHE A 151 24.29 9.87 22.34
N ASN A 152 23.45 10.89 22.34
CA ASN A 152 23.13 11.62 23.57
C ASN A 152 22.45 10.71 24.61
N LYS A 153 21.25 10.24 24.32
CA LYS A 153 20.53 9.37 25.24
C LYS A 153 20.21 8.04 24.57
N PRO A 154 21.20 7.12 24.53
CA PRO A 154 21.02 5.81 23.92
C PRO A 154 20.51 4.74 24.89
N GLY A 155 20.61 3.48 24.46
CA GLY A 155 20.17 2.36 25.28
C GLY A 155 20.75 1.07 24.72
N GLU A 156 20.15 -0.06 25.06
CA GLU A 156 20.60 -1.34 24.56
C GLU A 156 19.45 -2.05 23.87
N LEU A 157 19.75 -3.17 23.22
CA LEU A 157 18.71 -3.91 22.52
C LEU A 157 17.65 -4.50 23.42
N ASN A 158 16.42 -4.49 22.92
CA ASN A 158 15.26 -5.00 23.62
C ASN A 158 15.08 -6.48 23.29
N ILE A 159 15.31 -7.34 24.27
CA ILE A 159 15.16 -8.78 24.06
C ILE A 159 13.73 -9.16 23.68
N ASP A 160 12.75 -8.49 24.29
CA ASP A 160 11.33 -8.73 23.99
C ASP A 160 11.02 -8.47 22.52
N ARG A 161 11.55 -7.36 22.01
CA ARG A 161 11.35 -6.98 20.61
C ARG A 161 11.97 -8.05 19.72
N VAL A 162 13.18 -8.49 20.08
CA VAL A 162 13.88 -9.50 19.31
C VAL A 162 13.10 -10.80 19.28
N ASN A 163 12.60 -11.22 20.44
CA ASN A 163 11.85 -12.47 20.51
C ASN A 163 10.51 -12.39 19.78
N ALA A 164 9.95 -11.19 19.69
CA ALA A 164 8.70 -10.99 18.98
C ALA A 164 8.95 -11.28 17.50
N GLN A 165 10.08 -10.78 16.98
CA GLN A 165 10.39 -11.01 15.57
C GLN A 165 10.73 -12.48 15.32
N GLN A 166 11.36 -13.14 16.29
CA GLN A 166 11.70 -14.54 16.12
C GLN A 166 10.41 -15.36 16.09
N ALA A 167 9.43 -14.95 16.88
CA ALA A 167 8.15 -15.65 16.90
C ALA A 167 7.46 -15.56 15.52
N ARG A 168 7.46 -14.37 14.92
CA ARG A 168 6.84 -14.19 13.61
C ARG A 168 7.55 -15.03 12.58
N ARG A 169 8.87 -14.88 12.53
CA ARG A 169 9.70 -15.61 11.59
C ARG A 169 9.49 -17.12 11.69
N PHE A 170 9.36 -17.63 12.91
CA PHE A 170 9.19 -19.07 13.11
C PHE A 170 7.80 -19.53 12.71
N MET A 171 6.77 -18.73 13.00
CA MET A 171 5.42 -19.11 12.61
C MET A 171 5.32 -19.17 11.09
N ASP A 172 5.96 -18.23 10.40
CA ASP A 172 5.90 -18.25 8.94
C ASP A 172 6.63 -19.45 8.35
N ARG A 173 7.70 -19.86 9.03
CA ARG A 173 8.50 -21.02 8.63
C ARG A 173 7.71 -22.31 8.73
N VAL A 174 7.17 -22.55 9.93
CA VAL A 174 6.39 -23.76 10.18
C VAL A 174 5.29 -23.93 9.12
N VAL A 175 4.49 -22.88 8.91
CA VAL A 175 3.41 -22.94 7.93
C VAL A 175 3.90 -23.33 6.54
N GLY A 176 4.92 -22.63 6.05
CA GLY A 176 5.43 -22.93 4.72
C GLY A 176 6.10 -24.29 4.55
N TYR A 177 6.88 -24.72 5.54
CA TYR A 177 7.56 -26.00 5.44
C TYR A 177 6.74 -27.21 5.88
N MET A 178 5.62 -26.97 6.55
CA MET A 178 4.78 -28.07 6.99
C MET A 178 3.47 -28.20 6.20
N VAL A 179 2.99 -27.11 5.63
CA VAL A 179 1.75 -27.16 4.84
C VAL A 179 2.07 -27.54 3.38
N SER A 180 3.08 -26.91 2.81
CA SER A 180 3.45 -27.20 1.42
C SER A 180 3.60 -28.70 1.17
N PRO A 181 4.35 -29.41 2.03
CA PRO A 181 4.50 -30.86 1.81
C PRO A 181 3.15 -31.55 1.71
N LEU A 182 2.19 -31.12 2.53
CA LEU A 182 0.88 -31.74 2.48
C LEU A 182 0.30 -31.54 1.08
N LEU A 183 0.58 -30.39 0.49
CA LEU A 183 0.08 -30.09 -0.85
C LEU A 183 0.73 -31.01 -1.87
N TRP A 184 2.04 -31.24 -1.72
CA TRP A 184 2.78 -32.10 -2.62
C TRP A 184 2.15 -33.50 -2.65
N LYS A 185 1.69 -33.95 -1.50
CA LYS A 185 1.09 -35.27 -1.38
C LYS A 185 -0.36 -35.36 -1.87
N LYS A 186 -1.18 -34.40 -1.48
CA LYS A 186 -2.58 -34.37 -1.86
C LYS A 186 -2.87 -33.77 -3.23
N ILE A 187 -2.12 -32.75 -3.62
CA ILE A 187 -2.39 -32.07 -4.89
C ILE A 187 -1.35 -32.21 -5.98
N ALA A 188 -0.15 -31.67 -5.75
CA ALA A 188 0.91 -31.73 -6.76
C ALA A 188 2.23 -31.23 -6.17
N ARG A 189 3.33 -31.64 -6.80
CA ARG A 189 4.66 -31.23 -6.35
C ARG A 189 4.97 -29.81 -6.81
N GLY A 190 5.83 -29.12 -6.07
CA GLY A 190 6.20 -27.76 -6.42
C GLY A 190 5.26 -26.70 -5.87
N LEU A 191 4.16 -27.15 -5.27
CA LEU A 191 3.18 -26.23 -4.68
C LEU A 191 3.63 -25.65 -3.34
N SER A 192 3.05 -24.52 -2.98
CA SER A 192 3.41 -23.84 -1.74
C SER A 192 2.20 -23.19 -1.09
N ALA A 193 2.33 -22.89 0.20
CA ALA A 193 1.29 -22.24 0.97
C ALA A 193 2.02 -21.31 1.94
N GLY A 194 1.36 -20.21 2.30
CA GLY A 194 1.98 -19.27 3.21
C GLY A 194 0.99 -18.25 3.75
N ARG A 195 1.28 -17.72 4.93
CA ARG A 195 0.41 -16.75 5.57
C ARG A 195 0.03 -15.57 4.65
N VAL A 196 0.99 -15.01 3.93
CA VAL A 196 0.73 -13.87 3.06
C VAL A 196 0.33 -14.30 1.64
N GLN A 197 1.12 -15.21 1.12
CA GLN A 197 0.99 -15.80 -0.21
C GLN A 197 -0.41 -16.34 -0.54
N SER A 198 -0.92 -17.22 0.33
CA SER A 198 -2.21 -17.85 0.16
C SER A 198 -3.45 -16.94 0.26
N VAL A 199 -3.37 -15.85 1.01
CA VAL A 199 -4.54 -14.97 1.06
C VAL A 199 -4.52 -14.02 -0.13
N ALA A 200 -3.32 -13.75 -0.65
CA ALA A 200 -3.22 -12.89 -1.82
C ALA A 200 -3.94 -13.65 -2.95
N VAL A 201 -3.65 -14.94 -3.07
CA VAL A 201 -4.31 -15.75 -4.10
C VAL A 201 -5.83 -15.81 -3.84
N ARG A 202 -6.23 -15.99 -2.58
CA ARG A 202 -7.64 -16.06 -2.25
C ARG A 202 -8.37 -14.80 -2.74
N LEU A 203 -7.74 -13.65 -2.57
CA LEU A 203 -8.33 -12.40 -3.02
C LEU A 203 -8.59 -12.45 -4.53
N VAL A 204 -7.61 -12.92 -5.30
CA VAL A 204 -7.78 -13.02 -6.76
C VAL A 204 -8.85 -14.04 -7.13
N VAL A 205 -8.86 -15.17 -6.42
CA VAL A 205 -9.84 -16.23 -6.67
C VAL A 205 -11.28 -15.76 -6.41
N GLU A 206 -11.46 -15.00 -5.34
CA GLU A 206 -12.78 -14.47 -5.01
C GLU A 206 -13.27 -13.44 -6.01
N ARG A 207 -12.36 -12.64 -6.54
CA ARG A 207 -12.72 -11.62 -7.50
C ARG A 207 -13.08 -12.31 -8.83
N GLU A 208 -12.36 -13.39 -9.13
CA GLU A 208 -12.58 -14.17 -10.35
C GLU A 208 -13.99 -14.75 -10.29
N ARG A 209 -14.30 -15.43 -9.19
CA ARG A 209 -15.62 -16.01 -9.05
C ARG A 209 -16.69 -14.94 -9.05
N GLU A 210 -16.36 -13.77 -8.51
CA GLU A 210 -17.29 -12.65 -8.45
C GLU A 210 -17.62 -12.23 -9.88
N ILE A 211 -16.59 -12.08 -10.71
CA ILE A 211 -16.78 -11.68 -12.09
C ILE A 211 -17.54 -12.75 -12.92
N LYS A 212 -17.13 -14.01 -12.83
CA LYS A 212 -17.78 -15.06 -13.60
C LYS A 212 -19.26 -15.27 -13.28
N ALA A 213 -19.67 -14.91 -12.07
CA ALA A 213 -21.07 -15.07 -11.68
C ALA A 213 -21.88 -13.80 -11.95
N PHE A 214 -21.21 -12.72 -12.36
CA PHE A 214 -21.90 -11.46 -12.60
C PHE A 214 -22.85 -11.48 -13.78
N VAL A 215 -24.04 -10.92 -13.56
CA VAL A 215 -25.07 -10.83 -14.58
C VAL A 215 -25.41 -9.36 -14.77
N PRO A 216 -24.99 -8.76 -15.89
CA PRO A 216 -25.26 -7.34 -16.19
C PRO A 216 -26.74 -6.98 -16.16
N GLU A 217 -27.06 -5.85 -15.54
CA GLU A 217 -28.43 -5.36 -15.45
C GLU A 217 -28.66 -4.16 -16.37
N GLU A 218 -29.68 -4.25 -17.21
CA GLU A 218 -30.01 -3.17 -18.12
C GLU A 218 -30.77 -2.05 -17.43
N PHE A 219 -30.40 -0.81 -17.74
CA PHE A 219 -31.09 0.35 -17.19
C PHE A 219 -30.98 1.48 -18.19
N TRP A 220 -31.99 2.34 -18.20
CA TRP A 220 -32.02 3.45 -19.15
C TRP A 220 -31.95 4.83 -18.50
N GLU A 221 -31.42 5.78 -19.28
CA GLU A 221 -31.29 7.16 -18.85
C GLU A 221 -31.86 8.07 -19.92
N VAL A 222 -32.46 9.18 -19.50
CA VAL A 222 -33.02 10.11 -20.46
C VAL A 222 -32.55 11.52 -20.18
N ASP A 223 -32.00 12.15 -21.20
CA ASP A 223 -31.51 13.50 -21.08
C ASP A 223 -32.34 14.39 -21.99
N ALA A 224 -32.47 15.66 -21.62
CA ALA A 224 -33.26 16.58 -22.41
C ALA A 224 -32.49 17.86 -22.70
N SER A 225 -32.45 18.24 -23.98
CA SER A 225 -31.80 19.48 -24.39
C SER A 225 -32.88 20.55 -24.38
N THR A 226 -32.59 21.69 -23.77
CA THR A 226 -33.58 22.75 -23.72
C THR A 226 -32.98 24.14 -23.97
N THR A 227 -33.87 25.13 -24.10
CA THR A 227 -33.47 26.51 -24.34
C THR A 227 -34.02 27.37 -23.21
N THR A 228 -33.19 28.28 -22.70
CA THR A 228 -33.61 29.18 -21.63
C THR A 228 -34.48 30.28 -22.24
N PRO A 229 -35.12 31.11 -21.39
CA PRO A 229 -35.95 32.17 -21.97
C PRO A 229 -35.12 33.06 -22.90
N SER A 230 -33.81 33.10 -22.68
CA SER A 230 -32.90 33.90 -23.48
C SER A 230 -32.64 33.26 -24.84
N GLY A 231 -32.25 32.00 -24.82
CA GLY A 231 -31.96 31.27 -26.04
C GLY A 231 -30.77 30.35 -25.86
N GLU A 232 -30.22 30.36 -24.64
CA GLU A 232 -29.05 29.54 -24.30
C GLU A 232 -29.40 28.06 -24.18
N ALA A 233 -28.41 27.20 -24.42
CA ALA A 233 -28.59 25.76 -24.33
C ALA A 233 -28.43 25.25 -22.91
N LEU A 234 -29.27 24.30 -22.53
CA LEU A 234 -29.24 23.72 -21.20
C LEU A 234 -29.54 22.22 -21.28
N ALA A 235 -28.57 21.41 -20.89
CA ALA A 235 -28.72 19.95 -20.91
C ALA A 235 -29.25 19.47 -19.56
N LEU A 236 -30.24 18.61 -19.58
CA LEU A 236 -30.82 18.12 -18.33
C LEU A 236 -30.86 16.59 -18.26
N GLN A 237 -30.81 16.06 -17.05
CA GLN A 237 -30.89 14.61 -16.84
C GLN A 237 -32.18 14.35 -16.06
N VAL A 238 -32.95 13.34 -16.45
CA VAL A 238 -34.19 13.02 -15.74
C VAL A 238 -33.83 12.25 -14.48
N THR A 239 -34.27 12.73 -13.32
CA THR A 239 -33.96 12.08 -12.06
C THR A 239 -35.14 11.39 -11.37
N HIS A 240 -36.33 11.97 -11.49
CA HIS A 240 -37.49 11.39 -10.84
C HIS A 240 -38.76 11.40 -11.66
N GLN A 241 -39.63 10.45 -11.36
CA GLN A 241 -40.93 10.35 -12.00
C GLN A 241 -41.90 10.00 -10.88
N ASN A 242 -42.93 10.82 -10.72
CA ASN A 242 -43.92 10.57 -9.68
C ASN A 242 -43.20 10.49 -8.33
N ASP A 243 -42.08 11.21 -8.24
CA ASP A 243 -41.27 11.27 -7.01
C ASP A 243 -40.43 10.02 -6.68
N LYS A 244 -40.27 9.14 -7.66
CA LYS A 244 -39.46 7.93 -7.47
C LYS A 244 -38.28 8.02 -8.43
N PRO A 245 -37.10 7.55 -8.00
CA PRO A 245 -35.93 7.60 -8.89
C PRO A 245 -36.29 7.07 -10.27
N PHE A 246 -35.96 7.84 -11.31
CA PHE A 246 -36.25 7.43 -12.67
C PHE A 246 -35.20 6.45 -13.15
N ARG A 247 -35.61 5.20 -13.41
CA ARG A 247 -34.68 4.18 -13.85
C ARG A 247 -35.39 3.07 -14.62
N PRO A 248 -35.79 3.35 -15.87
CA PRO A 248 -36.48 2.34 -16.67
C PRO A 248 -35.50 1.19 -16.92
N VAL A 249 -36.02 -0.03 -17.05
CA VAL A 249 -35.17 -1.20 -17.29
C VAL A 249 -35.23 -1.71 -18.73
N ASN A 250 -36.18 -1.20 -19.51
CA ASN A 250 -36.30 -1.61 -20.91
C ASN A 250 -36.68 -0.44 -21.81
N LYS A 251 -36.62 -0.68 -23.12
CA LYS A 251 -36.95 0.33 -24.11
C LYS A 251 -38.41 0.75 -24.04
N GLU A 252 -39.29 -0.20 -23.81
CA GLU A 252 -40.72 0.06 -23.72
C GLU A 252 -41.04 1.12 -22.66
N GLN A 253 -40.53 0.90 -21.45
CA GLN A 253 -40.75 1.84 -20.35
C GLN A 253 -40.12 3.19 -20.66
N THR A 254 -38.95 3.17 -21.29
CA THR A 254 -38.24 4.38 -21.65
C THR A 254 -39.07 5.19 -22.64
N GLN A 255 -39.79 4.51 -23.51
CA GLN A 255 -40.63 5.16 -24.51
C GLN A 255 -41.86 5.78 -23.85
N ALA A 256 -42.50 5.03 -22.96
CA ALA A 256 -43.68 5.53 -22.27
C ALA A 256 -43.37 6.88 -21.65
N ALA A 257 -42.17 6.98 -21.06
CA ALA A 257 -41.72 8.20 -20.40
C ALA A 257 -41.37 9.33 -21.39
N VAL A 258 -40.62 9.03 -22.44
CA VAL A 258 -40.27 10.05 -23.43
C VAL A 258 -41.52 10.68 -24.03
N SER A 259 -42.55 9.86 -24.22
CA SER A 259 -43.81 10.33 -24.78
C SER A 259 -44.39 11.44 -23.90
N LEU A 260 -44.30 11.25 -22.58
CA LEU A 260 -44.81 12.24 -21.65
C LEU A 260 -43.90 13.48 -21.61
N LEU A 261 -42.60 13.26 -21.55
CA LEU A 261 -41.67 14.38 -21.49
C LEU A 261 -41.73 15.27 -22.74
N GLU A 262 -42.09 14.68 -23.88
CA GLU A 262 -42.16 15.42 -25.12
C GLU A 262 -43.27 16.48 -25.11
N LYS A 263 -44.34 16.21 -24.37
CA LYS A 263 -45.48 17.12 -24.30
C LYS A 263 -45.52 18.00 -23.05
N ALA A 264 -44.65 17.71 -22.08
CA ALA A 264 -44.63 18.44 -20.82
C ALA A 264 -44.13 19.88 -20.89
N ARG A 265 -44.52 20.66 -19.89
CA ARG A 265 -44.07 22.05 -19.76
C ARG A 265 -42.93 21.99 -18.75
N TYR A 266 -41.81 22.61 -19.10
CA TYR A 266 -40.64 22.62 -18.25
C TYR A 266 -40.45 23.97 -17.58
N SER A 267 -40.24 23.95 -16.27
CA SER A 267 -40.02 25.18 -15.51
C SER A 267 -38.97 24.94 -14.42
N VAL A 268 -38.14 25.96 -14.20
CA VAL A 268 -37.09 25.91 -13.19
C VAL A 268 -37.67 25.96 -11.78
N LEU A 269 -37.23 25.04 -10.94
CA LEU A 269 -37.70 24.98 -9.57
C LEU A 269 -36.74 25.68 -8.62
N GLU A 270 -35.47 25.30 -8.70
CA GLU A 270 -34.46 25.87 -7.83
C GLU A 270 -33.08 25.96 -8.48
N ARG A 271 -32.31 26.95 -8.06
CA ARG A 271 -30.96 27.14 -8.55
C ARG A 271 -30.10 27.33 -7.32
N GLU A 272 -29.34 26.30 -6.99
CA GLU A 272 -28.48 26.34 -5.82
C GLU A 272 -27.00 26.55 -6.17
N ASP A 273 -26.53 27.77 -5.97
CA ASP A 273 -25.13 28.11 -6.23
C ASP A 273 -24.41 27.92 -4.91
N LYS A 274 -23.29 27.21 -4.92
CA LYS A 274 -22.55 26.98 -3.69
C LYS A 274 -21.05 26.82 -3.92
N PRO A 275 -20.24 27.39 -3.03
CA PRO A 275 -18.79 27.30 -3.15
C PRO A 275 -18.35 25.93 -2.67
N THR A 276 -17.58 25.21 -3.49
CA THR A 276 -17.08 23.89 -3.13
C THR A 276 -15.57 23.86 -3.33
N THR A 277 -14.90 22.97 -2.61
CA THR A 277 -13.45 22.86 -2.70
C THR A 277 -12.94 21.46 -3.04
N SER A 278 -11.67 21.41 -3.42
CA SER A 278 -11.00 20.16 -3.76
C SER A 278 -9.73 20.16 -2.92
N LYS A 279 -9.39 19.03 -2.34
CA LYS A 279 -8.21 18.97 -1.52
C LYS A 279 -7.13 18.04 -2.06
N PRO A 280 -5.86 18.43 -1.87
CA PRO A 280 -4.71 17.64 -2.33
C PRO A 280 -4.65 16.34 -1.55
N GLY A 281 -3.85 15.40 -2.02
CA GLY A 281 -3.73 14.12 -1.31
C GLY A 281 -2.51 14.10 -0.40
N ALA A 282 -2.26 12.95 0.23
CA ALA A 282 -1.12 12.81 1.13
C ALA A 282 0.16 12.47 0.37
N PRO A 283 1.32 12.75 0.98
CA PRO A 283 2.51 12.41 0.21
C PRO A 283 2.52 10.89 0.06
N PHE A 284 3.31 10.38 -0.87
CA PHE A 284 3.36 8.95 -1.12
C PHE A 284 3.96 8.04 -0.06
N ILE A 285 3.53 6.78 -0.14
CA ILE A 285 4.05 5.69 0.66
C ILE A 285 4.31 4.65 -0.43
N THR A 286 4.93 3.53 -0.10
CA THR A 286 5.23 2.54 -1.11
C THR A 286 4.03 2.07 -1.92
N SER A 287 2.94 1.72 -1.25
CA SER A 287 1.75 1.26 -1.96
C SER A 287 1.15 2.32 -2.89
N THR A 288 0.91 3.53 -2.38
CA THR A 288 0.34 4.57 -3.22
C THR A 288 1.26 5.00 -4.37
N LEU A 289 2.58 4.98 -4.14
CA LEU A 289 3.52 5.35 -5.21
C LEU A 289 3.32 4.37 -6.36
N GLN A 290 3.31 3.07 -6.04
CA GLN A 290 3.12 2.02 -7.04
C GLN A 290 1.81 2.21 -7.84
N GLN A 291 0.75 2.59 -7.14
CA GLN A 291 -0.56 2.79 -7.78
C GLN A 291 -0.54 4.04 -8.68
N ALA A 292 0.08 5.11 -8.19
CA ALA A 292 0.15 6.34 -8.97
C ALA A 292 1.05 6.13 -10.21
N ALA A 293 2.18 5.46 -10.02
CA ALA A 293 3.08 5.22 -11.14
C ALA A 293 2.37 4.32 -12.16
N SER A 294 1.56 3.40 -11.66
CA SER A 294 0.84 2.50 -12.55
C SER A 294 -0.25 3.22 -13.34
N THR A 295 -0.98 4.12 -12.70
CA THR A 295 -2.07 4.85 -13.38
C THR A 295 -1.63 6.01 -14.26
N ARG A 296 -0.58 6.71 -13.86
CA ARG A 296 -0.13 7.87 -14.63
C ARG A 296 1.09 7.64 -15.52
N LEU A 297 1.84 6.55 -15.29
CA LEU A 297 3.03 6.29 -16.11
C LEU A 297 3.07 4.89 -16.69
N GLY A 298 2.08 4.07 -16.38
CA GLY A 298 2.06 2.70 -16.87
C GLY A 298 3.16 1.82 -16.31
N PHE A 299 3.74 2.20 -15.19
CA PHE A 299 4.82 1.41 -14.57
C PHE A 299 4.29 0.23 -13.76
N GLY A 300 4.98 -0.92 -13.87
CA GLY A 300 4.59 -2.08 -13.09
C GLY A 300 5.21 -1.94 -11.71
N VAL A 301 4.70 -2.64 -10.71
CA VAL A 301 5.23 -2.52 -9.36
C VAL A 301 6.76 -2.69 -9.27
N LYS A 302 7.27 -3.77 -9.84
CA LYS A 302 8.71 -4.04 -9.82
C LYS A 302 9.52 -2.90 -10.47
N LYS A 303 9.06 -2.40 -11.61
CA LYS A 303 9.77 -1.31 -12.28
C LYS A 303 9.82 -0.04 -11.43
N THR A 304 8.67 0.31 -10.87
CA THR A 304 8.56 1.49 -10.04
C THR A 304 9.54 1.45 -8.90
N MET A 305 9.71 0.28 -8.31
CA MET A 305 10.62 0.11 -7.19
C MET A 305 12.08 0.15 -7.66
N MET A 306 12.33 -0.24 -8.90
CA MET A 306 13.69 -0.21 -9.44
C MET A 306 14.09 1.25 -9.62
N MET A 307 13.23 2.05 -10.22
CA MET A 307 13.50 3.47 -10.44
C MET A 307 13.63 4.18 -9.09
N ALA A 308 12.68 3.92 -8.18
CA ALA A 308 12.71 4.52 -6.85
C ALA A 308 14.02 4.21 -6.16
N GLN A 309 14.50 2.98 -6.35
CA GLN A 309 15.74 2.54 -5.73
C GLN A 309 16.91 3.39 -6.25
N ARG A 310 16.94 3.63 -7.56
CA ARG A 310 18.00 4.43 -8.15
C ARG A 310 17.97 5.82 -7.54
N LEU A 311 16.79 6.43 -7.53
CA LEU A 311 16.62 7.77 -6.97
C LEU A 311 17.09 7.86 -5.51
N TYR A 312 16.79 6.84 -4.72
CA TYR A 312 17.20 6.87 -3.32
C TYR A 312 18.71 6.80 -3.19
N GLU A 313 19.32 5.85 -3.88
CA GLU A 313 20.76 5.68 -3.83
C GLU A 313 21.53 6.88 -4.35
N ALA A 314 20.89 7.71 -5.18
CA ALA A 314 21.54 8.91 -5.70
C ALA A 314 21.20 10.11 -4.82
N GLY A 315 20.59 9.83 -3.66
CA GLY A 315 20.23 10.89 -2.72
C GLY A 315 19.11 11.84 -3.08
N TYR A 316 18.29 11.51 -4.08
CA TYR A 316 17.19 12.41 -4.45
C TYR A 316 15.90 12.28 -3.62
N ILE A 317 15.62 11.09 -3.09
CA ILE A 317 14.44 10.86 -2.27
C ILE A 317 14.81 9.99 -1.06
N THR A 318 13.86 9.79 -0.15
CA THR A 318 14.00 8.97 1.09
C THR A 318 13.65 7.46 0.84
N MET A 320 12.60 3.81 -0.16
CA MET A 320 11.42 3.62 -0.99
C MET A 320 10.40 2.72 -0.33
N ARG A 321 10.80 2.14 0.79
CA ARG A 321 9.96 1.21 1.53
C ARG A 321 9.45 1.86 2.80
N THR A 322 8.18 2.24 2.78
CA THR A 322 7.59 2.90 3.92
C THR A 322 6.07 2.74 3.91
N ASP A 323 5.50 2.72 5.11
CA ASP A 323 4.06 2.58 5.26
C ASP A 323 3.46 3.80 5.97
N SER A 324 4.27 4.85 6.12
CA SER A 324 3.84 6.08 6.80
C SER A 324 3.87 7.29 5.87
N THR A 325 2.82 8.10 5.92
CA THR A 325 2.73 9.29 5.09
C THR A 325 3.18 10.53 5.85
N ASN A 326 3.87 10.33 6.98
CA ASN A 326 4.33 11.44 7.80
C ASN A 326 5.43 12.30 7.21
N LEU A 327 5.49 13.54 7.66
CA LEU A 327 6.49 14.50 7.21
C LEU A 327 7.09 15.20 8.42
N SER A 328 8.40 15.31 8.44
CA SER A 328 9.10 15.97 9.54
C SER A 328 8.76 17.45 9.48
N GLN A 329 9.08 18.18 10.54
CA GLN A 329 8.79 19.61 10.57
C GLN A 329 9.69 20.31 9.55
N ASP A 330 10.95 19.89 9.48
CA ASP A 330 11.88 20.47 8.52
C ASP A 330 11.36 20.29 7.10
N ALA A 331 10.91 19.07 6.79
CA ALA A 331 10.37 18.80 5.47
C ALA A 331 9.22 19.76 5.18
N VAL A 332 8.36 19.96 6.19
CA VAL A 332 7.22 20.86 6.05
C VAL A 332 7.62 22.33 5.91
N ASN A 333 8.70 22.73 6.56
CA ASN A 333 9.12 24.14 6.44
C ASN A 333 9.78 24.33 5.09
N MET A 334 10.51 23.32 4.66
CA MET A 334 11.19 23.36 3.38
C MET A 334 10.20 23.57 2.22
N VAL A 335 9.11 22.79 2.23
CA VAL A 335 8.11 22.90 1.17
C VAL A 335 7.30 24.19 1.23
N ARG A 336 6.95 24.63 2.44
CA ARG A 336 6.18 25.87 2.58
C ARG A 336 7.07 27.02 2.14
N GLY A 337 8.37 26.89 2.42
CA GLY A 337 9.31 27.92 2.02
C GLY A 337 9.31 27.99 0.51
N TYR A 338 9.32 26.84 -0.13
CA TYR A 338 9.31 26.78 -1.59
C TYR A 338 7.98 27.31 -2.17
N ILE A 339 6.85 26.86 -1.61
CA ILE A 339 5.54 27.32 -2.11
C ILE A 339 5.42 28.83 -2.00
N SER A 340 5.96 29.37 -0.92
CA SER A 340 5.91 30.81 -0.67
C SER A 340 6.66 31.65 -1.70
N ASP A 341 7.83 31.17 -2.11
CA ASP A 341 8.62 31.92 -3.08
C ASP A 341 8.18 31.68 -4.50
N ASN A 342 7.64 30.50 -4.78
CA ASN A 342 7.27 30.17 -6.14
C ASN A 342 5.80 30.27 -6.56
N PHE A 343 4.89 30.48 -5.62
CA PHE A 343 3.46 30.59 -5.96
C PHE A 343 2.75 31.78 -5.32
N GLY A 344 3.23 32.24 -4.18
CA GLY A 344 2.59 33.37 -3.54
C GLY A 344 1.76 32.96 -2.33
N LYS A 345 1.17 33.96 -1.68
CA LYS A 345 0.37 33.73 -0.48
C LYS A 345 -0.91 32.92 -0.67
N LYS A 346 -1.68 33.24 -1.70
CA LYS A 346 -2.92 32.52 -1.93
C LYS A 346 -2.75 31.02 -2.04
N TYR A 347 -1.52 30.56 -2.26
CA TYR A 347 -1.24 29.12 -2.37
C TYR A 347 -0.70 28.55 -1.07
N LEU A 348 -0.24 29.41 -0.18
CA LEU A 348 0.31 28.95 1.10
C LEU A 348 -0.77 29.05 2.18
N PRO A 349 -1.13 27.91 2.80
CA PRO A 349 -2.15 27.90 3.85
C PRO A 349 -1.63 28.59 5.13
N GLU A 350 -2.53 29.19 5.89
CA GLU A 350 -2.19 29.87 7.15
C GLU A 350 -1.23 29.03 7.98
N SER A 351 -1.54 27.76 8.13
CA SER A 351 -0.70 26.84 8.88
C SER A 351 -0.64 25.50 8.13
N PRO A 352 0.41 24.69 8.38
CA PRO A 352 0.59 23.40 7.73
C PRO A 352 -0.66 22.55 7.57
N ASN A 353 -0.82 21.95 6.40
CA ASN A 353 -1.97 21.09 6.13
C ASN A 353 -1.84 19.83 6.97
N GLN A 354 -2.93 19.48 7.66
CA GLN A 354 -2.97 18.31 8.54
C GLN A 354 -3.74 17.17 7.88
N TYR A 355 -3.37 15.94 8.24
CA TYR A 355 -4.03 14.75 7.70
C TYR A 355 -3.60 13.52 8.49
N ALA A 356 -4.42 12.47 8.46
CA ALA A 356 -4.12 11.23 9.17
C ALA A 356 -3.53 10.18 8.24
N HIS A 365 9.71 4.75 8.99
CA HIS A 365 10.23 5.78 8.09
C HIS A 365 9.18 6.86 7.79
N GLU A 366 9.65 7.96 7.22
CA GLU A 366 8.82 9.09 6.85
C GLU A 366 8.15 8.78 5.50
N ALA A 367 7.45 9.76 4.92
CA ALA A 367 6.80 9.56 3.64
C ALA A 367 7.84 9.70 2.51
N ILE A 368 7.51 9.17 1.34
CA ILE A 368 8.41 9.24 0.20
C ILE A 368 8.32 10.64 -0.40
N ARG A 369 9.43 11.36 -0.42
CA ARG A 369 9.43 12.71 -0.99
C ARG A 369 10.83 13.14 -1.42
N PRO A 370 10.94 14.26 -2.16
CA PRO A 370 12.28 14.68 -2.56
C PRO A 370 13.10 15.04 -1.33
N SER A 371 14.39 14.74 -1.36
CA SER A 371 15.26 15.08 -0.23
C SER A 371 15.51 16.58 -0.21
N ASP A 372 15.34 17.22 -1.36
CA ASP A 372 15.50 18.67 -1.50
C ASP A 372 14.47 19.22 -2.47
N VAL A 373 13.47 19.93 -1.95
CA VAL A 373 12.41 20.49 -2.79
C VAL A 373 12.92 21.35 -3.94
N ASN A 374 14.09 21.96 -3.75
CA ASN A 374 14.68 22.85 -4.75
C ASN A 374 15.24 22.13 -5.97
N VAL A 375 15.22 20.80 -5.94
CA VAL A 375 15.73 20.01 -7.04
C VAL A 375 14.62 19.53 -7.96
N MET A 376 14.60 20.06 -9.18
CA MET A 376 13.60 19.72 -10.18
C MET A 376 13.99 18.45 -10.95
N ALA A 377 12.98 17.74 -11.47
CA ALA A 377 13.21 16.51 -12.20
C ALA A 377 14.13 16.73 -13.42
N GLU A 378 13.97 17.85 -14.10
CA GLU A 378 14.76 18.17 -15.28
C GLU A 378 16.26 18.30 -15.03
N SER A 379 16.67 18.45 -13.77
CA SER A 379 18.09 18.59 -13.46
C SER A 379 18.80 17.30 -13.10
N LEU A 380 18.08 16.18 -13.17
CA LEU A 380 18.66 14.88 -12.85
C LEU A 380 19.14 14.21 -14.15
N LYS A 381 20.08 14.85 -14.85
CA LYS A 381 20.61 14.31 -16.11
C LYS A 381 21.43 13.02 -15.98
N ASP A 382 21.62 12.56 -14.75
CA ASP A 382 22.36 11.33 -14.48
C ASP A 382 21.39 10.16 -14.25
N MET A 383 20.10 10.42 -14.44
CA MET A 383 19.10 9.42 -14.22
C MET A 383 18.35 9.10 -15.51
N GLU A 384 17.81 7.88 -15.59
CA GLU A 384 17.04 7.48 -16.77
C GLU A 384 15.82 8.39 -16.87
N ALA A 385 15.23 8.47 -18.06
CA ALA A 385 14.06 9.29 -18.26
C ALA A 385 12.91 8.86 -17.34
N ASP A 386 12.73 7.55 -17.19
CA ASP A 386 11.64 7.03 -16.35
C ASP A 386 11.85 7.38 -14.88
N ALA A 387 13.10 7.46 -14.45
CA ALA A 387 13.38 7.79 -13.06
C ALA A 387 13.07 9.26 -12.84
N GLN A 388 13.25 10.07 -13.89
CA GLN A 388 12.95 11.50 -13.80
C GLN A 388 11.44 11.65 -13.72
N LYS A 389 10.71 10.82 -14.47
CA LYS A 389 9.25 10.87 -14.46
C LYS A 389 8.72 10.48 -13.08
N LEU A 390 9.31 9.45 -12.49
CA LEU A 390 8.90 9.01 -11.17
C LEU A 390 9.22 10.11 -10.14
N TYR A 391 10.40 10.72 -10.27
CA TYR A 391 10.78 11.78 -9.35
C TYR A 391 9.78 12.93 -9.44
N GLN A 392 9.39 13.28 -10.65
CA GLN A 392 8.43 14.36 -10.86
C GLN A 392 7.08 14.05 -10.22
N LEU A 393 6.70 12.77 -10.23
CA LEU A 393 5.44 12.35 -9.64
C LEU A 393 5.54 12.53 -8.13
N ILE A 394 6.65 12.08 -7.56
CA ILE A 394 6.89 12.19 -6.13
C ILE A 394 6.98 13.66 -5.69
N TRP A 395 7.65 14.47 -6.50
CA TRP A 395 7.83 15.88 -6.20
C TRP A 395 6.52 16.64 -6.13
N ARG A 396 5.73 16.54 -7.20
CA ARG A 396 4.45 17.23 -7.30
C ARG A 396 3.45 16.84 -6.22
N GLN A 397 3.43 15.56 -5.86
CA GLN A 397 2.52 15.06 -4.83
C GLN A 397 2.91 15.70 -3.49
N PHE A 398 4.22 15.84 -3.28
CA PHE A 398 4.77 16.42 -2.05
C PHE A 398 4.53 17.91 -1.91
N VAL A 399 4.55 18.64 -3.01
CA VAL A 399 4.33 20.08 -2.98
C VAL A 399 2.84 20.41 -2.98
N ALA A 400 2.05 19.66 -3.73
CA ALA A 400 0.61 19.89 -3.78
C ALA A 400 0.00 19.62 -2.41
N CYS A 401 0.56 18.64 -1.72
CA CYS A 401 0.06 18.23 -0.42
C CYS A 401 -0.01 19.38 0.59
N GLN A 402 0.92 20.33 0.47
CA GLN A 402 0.99 21.45 1.40
C GLN A 402 0.51 22.78 0.86
N MET A 403 -0.25 22.73 -0.24
CA MET A 403 -0.79 23.96 -0.83
C MET A 403 -2.25 24.10 -0.41
N THR A 404 -2.86 25.20 -0.84
CA THR A 404 -4.26 25.45 -0.50
C THR A 404 -5.22 24.71 -1.41
N PRO A 405 -6.47 24.54 -0.96
CA PRO A 405 -7.53 23.86 -1.71
C PRO A 405 -7.90 24.58 -2.98
N ALA A 406 -8.47 23.82 -3.91
CA ALA A 406 -8.94 24.37 -5.17
C ALA A 406 -10.35 24.84 -4.83
N LYS A 407 -10.78 25.95 -5.42
CA LYS A 407 -12.12 26.49 -5.15
C LYS A 407 -12.97 26.56 -6.41
N TYR A 408 -14.19 26.05 -6.31
CA TYR A 408 -15.13 26.07 -7.42
C TYR A 408 -16.48 26.63 -7.00
N ASP A 409 -17.25 27.10 -7.98
CA ASP A 409 -18.60 27.58 -7.74
C ASP A 409 -19.49 26.51 -8.38
N SER A 410 -20.12 25.69 -7.55
CA SER A 410 -20.98 24.63 -8.05
C SER A 410 -22.43 25.08 -8.16
N THR A 411 -23.04 24.81 -9.30
CA THR A 411 -24.43 25.18 -9.52
C THR A 411 -25.28 23.94 -9.76
N THR A 412 -26.45 23.90 -9.13
CA THR A 412 -27.37 22.78 -9.30
C THR A 412 -28.74 23.34 -9.68
N LEU A 413 -29.24 22.90 -10.83
CA LEU A 413 -30.54 23.33 -11.32
C LEU A 413 -31.57 22.22 -11.20
N THR A 414 -32.70 22.56 -10.59
CA THR A 414 -33.80 21.63 -10.41
C THR A 414 -34.89 22.07 -11.38
N VAL A 415 -35.39 21.12 -12.16
CA VAL A 415 -36.42 21.40 -13.15
C VAL A 415 -37.61 20.45 -13.02
N GLY A 416 -38.80 21.00 -13.23
CA GLY A 416 -40.02 20.21 -13.18
C GLY A 416 -40.64 20.17 -14.56
N ALA A 417 -41.27 19.03 -14.89
CA ALA A 417 -41.91 18.83 -16.19
C ALA A 417 -42.98 17.77 -16.00
N GLY A 418 -44.21 18.20 -15.77
CA GLY A 418 -45.27 17.24 -15.53
C GLY A 418 -44.97 16.57 -14.20
N ASP A 419 -44.93 15.24 -14.20
CA ASP A 419 -44.62 14.48 -12.99
C ASP A 419 -43.14 14.16 -12.86
N PHE A 420 -42.34 14.66 -13.80
CA PHE A 420 -40.91 14.41 -13.80
C PHE A 420 -40.08 15.51 -13.14
N ARG A 421 -38.89 15.13 -12.68
CA ARG A 421 -37.96 16.07 -12.09
C ARG A 421 -36.67 15.89 -12.87
N LEU A 422 -36.06 16.99 -13.28
CA LEU A 422 -34.82 16.92 -14.04
C LEU A 422 -33.76 17.75 -13.35
N LYS A 423 -32.51 17.44 -13.61
CA LYS A 423 -31.41 18.14 -12.97
C LYS A 423 -30.24 18.45 -13.90
N ALA A 424 -29.49 19.49 -13.56
CA ALA A 424 -28.32 19.92 -14.31
C ALA A 424 -27.35 20.46 -13.29
N ARG A 425 -26.09 20.04 -13.40
CA ARG A 425 -25.06 20.49 -12.47
C ARG A 425 -23.88 21.07 -13.21
N GLY A 426 -23.38 22.19 -12.71
CA GLY A 426 -22.26 22.85 -13.34
C GLY A 426 -21.21 23.28 -12.34
N ARG A 427 -20.03 23.61 -12.85
CA ARG A 427 -18.94 24.03 -11.99
C ARG A 427 -17.96 24.91 -12.75
N ILE A 428 -17.54 25.99 -12.10
CA ILE A 428 -16.59 26.91 -12.71
C ILE A 428 -15.41 27.13 -11.75
N LEU A 429 -14.21 26.79 -12.22
CA LEU A 429 -13.00 26.93 -11.42
C LEU A 429 -12.77 28.39 -11.06
N ARG A 430 -12.56 28.67 -9.77
CA ARG A 430 -12.30 30.04 -9.33
C ARG A 430 -10.85 30.21 -8.87
N PHE A 431 -10.28 29.16 -8.30
CA PHE A 431 -8.90 29.19 -7.82
C PHE A 431 -8.30 27.80 -7.86
N ASP A 432 -7.24 27.63 -8.67
CA ASP A 432 -6.61 26.32 -8.79
C ASP A 432 -5.94 25.75 -7.52
N GLY A 433 -5.43 26.60 -6.65
CA GLY A 433 -4.77 26.08 -5.46
C GLY A 433 -3.77 25.00 -5.86
N TRP A 434 -3.75 23.89 -5.12
CA TRP A 434 -2.82 22.80 -5.38
C TRP A 434 -2.80 22.25 -6.80
N THR A 435 -3.89 22.40 -7.55
CA THR A 435 -3.90 21.85 -8.91
C THR A 435 -2.96 22.61 -9.85
N LYS A 436 -2.36 23.68 -9.35
CA LYS A 436 -1.41 24.46 -10.14
C LYS A 436 -0.20 23.56 -10.41
N VAL A 437 0.25 22.83 -9.38
CA VAL A 437 1.40 21.95 -9.52
C VAL A 437 0.99 20.54 -9.99
N MET A 438 -0.23 20.14 -9.69
CA MET A 438 -0.72 18.83 -10.09
C MET A 438 -2.00 18.95 -10.88
N PRO A 439 -1.92 19.37 -12.15
CA PRO A 439 -3.14 19.51 -12.94
C PRO A 439 -3.78 18.14 -13.21
N ALA A 440 -5.10 18.15 -13.44
CA ALA A 440 -5.82 16.91 -13.71
C ALA A 440 -5.46 16.35 -15.08
N LEU A 441 -5.59 17.19 -16.11
CA LEU A 441 -5.28 16.77 -17.47
C LEU A 441 -4.36 17.78 -18.16
N ARG A 448 -19.84 22.98 -18.34
CA ARG A 448 -19.70 23.25 -16.92
C ARG A 448 -20.33 24.59 -16.55
N ILE A 449 -20.61 25.40 -17.56
CA ILE A 449 -21.21 26.72 -17.35
C ILE A 449 -22.73 26.68 -17.57
N LEU A 450 -23.49 26.65 -16.48
CA LEU A 450 -24.95 26.61 -16.58
C LEU A 450 -25.52 28.00 -16.84
N PRO A 451 -26.24 28.17 -17.96
CA PRO A 451 -26.83 29.47 -18.32
C PRO A 451 -27.63 30.10 -17.19
N ALA A 452 -27.70 31.42 -17.21
CA ALA A 452 -28.44 32.16 -16.20
C ALA A 452 -29.94 31.91 -16.35
N VAL A 453 -30.55 31.42 -15.28
CA VAL A 453 -31.98 31.13 -15.26
C VAL A 453 -32.43 31.25 -13.81
N ASN A 454 -33.62 31.79 -13.58
CA ASN A 454 -34.12 31.95 -12.23
C ASN A 454 -35.32 31.05 -11.96
N LYS A 455 -35.59 30.82 -10.67
CA LYS A 455 -36.73 30.01 -10.29
C LYS A 455 -37.95 30.55 -10.99
N GLY A 456 -38.83 29.66 -11.45
CA GLY A 456 -40.03 30.07 -12.13
C GLY A 456 -39.90 30.27 -13.63
N ASP A 457 -38.68 30.29 -14.16
CA ASP A 457 -38.50 30.46 -15.60
C ASP A 457 -38.95 29.25 -16.40
N ALA A 458 -39.49 29.50 -17.60
CA ALA A 458 -39.94 28.42 -18.47
C ALA A 458 -38.75 27.97 -19.32
N LEU A 459 -38.75 26.68 -19.69
CA LEU A 459 -37.69 26.12 -20.53
C LEU A 459 -38.33 25.51 -21.77
N THR A 460 -37.71 25.70 -22.93
CA THR A 460 -38.24 25.17 -24.17
C THR A 460 -37.53 23.89 -24.59
N LEU A 461 -38.31 22.81 -24.75
CA LEU A 461 -37.76 21.52 -25.12
C LEU A 461 -37.31 21.48 -26.58
N VAL A 462 -36.08 21.02 -26.78
CA VAL A 462 -35.50 20.89 -28.11
C VAL A 462 -35.52 19.42 -28.51
N GLU A 463 -34.93 18.56 -27.67
CA GLU A 463 -34.87 17.14 -27.99
C GLU A 463 -34.66 16.25 -26.77
N LEU A 464 -35.12 15.00 -26.88
CA LEU A 464 -34.98 14.01 -25.83
C LEU A 464 -34.15 12.84 -26.34
N THR A 465 -33.10 12.51 -25.61
CA THR A 465 -32.19 11.42 -25.97
C THR A 465 -32.17 10.27 -24.94
N PRO A 466 -32.78 9.12 -25.29
CA PRO A 466 -32.83 7.95 -24.41
C PRO A 466 -31.51 7.18 -24.57
N ALA A 467 -31.03 6.57 -23.50
CA ALA A 467 -29.78 5.80 -23.58
C ALA A 467 -29.83 4.49 -22.81
N GLN A 468 -29.50 3.41 -23.49
CA GLN A 468 -29.50 2.10 -22.88
C GLN A 468 -28.15 1.84 -22.20
N HIS A 469 -28.18 1.23 -21.03
CA HIS A 469 -26.97 0.92 -20.28
C HIS A 469 -27.05 -0.43 -19.60
N PHE A 470 -25.89 -0.92 -19.18
CA PHE A 470 -25.78 -2.20 -18.48
C PHE A 470 -24.77 -2.07 -17.34
N THR A 471 -25.13 -2.60 -16.17
CA THR A 471 -24.22 -2.54 -15.04
C THR A 471 -23.02 -3.42 -15.43
N LYS A 472 -21.85 -3.06 -14.93
CA LYS A 472 -20.64 -3.80 -15.24
C LYS A 472 -20.09 -4.60 -14.06
N PRO A 473 -19.41 -5.70 -14.35
CA PRO A 473 -18.83 -6.55 -13.30
C PRO A 473 -17.68 -5.85 -12.58
N PRO A 474 -17.30 -6.35 -11.39
CA PRO A 474 -16.19 -5.74 -10.63
C PRO A 474 -14.92 -5.75 -11.47
N ALA A 475 -14.10 -4.73 -11.32
CA ALA A 475 -12.85 -4.64 -12.07
C ALA A 475 -11.88 -5.74 -11.65
N ARG A 476 -11.04 -6.17 -12.58
CA ARG A 476 -10.04 -7.18 -12.28
C ARG A 476 -8.88 -6.48 -11.56
N PHE A 477 -8.13 -7.23 -10.75
CA PHE A 477 -6.99 -6.64 -10.06
C PHE A 477 -5.84 -6.36 -11.02
N SER A 478 -5.06 -5.35 -10.70
CA SER A 478 -3.87 -5.01 -11.44
C SER A 478 -2.79 -5.25 -10.38
N GLU A 479 -1.51 -5.26 -10.74
CA GLU A 479 -0.48 -5.50 -9.72
C GLU A 479 -0.57 -4.49 -8.58
N ALA A 480 -0.65 -3.22 -8.93
CA ALA A 480 -0.73 -2.15 -7.92
C ALA A 480 -2.04 -2.24 -7.17
N SER A 481 -3.09 -2.59 -7.90
CA SER A 481 -4.44 -2.72 -7.34
C SER A 481 -4.52 -3.81 -6.26
N LEU A 482 -3.82 -4.93 -6.48
CA LEU A 482 -3.84 -6.00 -5.50
C LEU A 482 -3.01 -5.54 -4.29
N VAL A 483 -1.89 -4.87 -4.56
CA VAL A 483 -1.05 -4.39 -3.49
C VAL A 483 -1.91 -3.49 -2.61
N LYS A 484 -2.68 -2.60 -3.23
CA LYS A 484 -3.54 -1.69 -2.50
C LYS A 484 -4.48 -2.46 -1.55
N GLU A 485 -5.06 -3.54 -2.05
CA GLU A 485 -5.97 -4.35 -1.23
C GLU A 485 -5.21 -5.02 -0.07
N LEU A 486 -4.00 -5.49 -0.34
CA LEU A 486 -3.19 -6.15 0.69
C LEU A 486 -2.86 -5.18 1.83
N GLU A 487 -2.34 -4.00 1.49
CA GLU A 487 -1.99 -3.00 2.50
C GLU A 487 -3.24 -2.55 3.26
N LYS A 488 -4.36 -2.47 2.57
CA LYS A 488 -5.60 -2.06 3.21
C LYS A 488 -5.93 -3.01 4.35
N ARG A 489 -5.64 -4.30 4.17
CA ARG A 489 -5.91 -5.30 5.20
C ARG A 489 -4.65 -5.60 6.02
N GLY A 490 -3.61 -4.80 5.82
CA GLY A 490 -2.36 -5.01 6.54
C GLY A 490 -1.74 -6.38 6.31
N ILE A 491 -1.92 -6.94 5.12
CA ILE A 491 -1.37 -8.26 4.85
C ILE A 491 0.12 -8.32 4.56
N GLY A 492 0.64 -7.48 3.69
CA GLY A 492 2.08 -7.58 3.43
C GLY A 492 2.94 -6.49 4.02
N ARG A 493 4.11 -6.27 3.41
CA ARG A 493 5.03 -5.24 3.85
C ARG A 493 5.57 -4.52 2.61
N PRO A 494 5.91 -3.23 2.75
CA PRO A 494 6.43 -2.45 1.61
C PRO A 494 7.53 -3.19 0.85
N SER A 495 8.45 -3.80 1.57
CA SER A 495 9.55 -4.52 0.94
C SER A 495 9.17 -5.89 0.39
N THR A 496 7.92 -6.30 0.57
CA THR A 496 7.52 -7.62 0.09
C THR A 496 6.36 -7.63 -0.92
N TYR A 497 5.65 -6.52 -1.05
CA TYR A 497 4.51 -6.45 -1.97
C TYR A 497 4.88 -6.96 -3.36
N ALA A 498 5.88 -6.31 -3.98
CA ALA A 498 6.33 -6.70 -5.31
C ALA A 498 6.64 -8.19 -5.34
N SER A 499 7.44 -8.64 -4.37
CA SER A 499 7.83 -10.02 -4.28
C SER A 499 6.65 -10.98 -4.23
N ILE A 500 5.56 -10.56 -3.56
CA ILE A 500 4.36 -11.39 -3.43
C ILE A 500 3.69 -11.56 -4.79
N ILE A 501 3.53 -10.46 -5.51
CA ILE A 501 2.91 -10.45 -6.82
C ILE A 501 3.58 -11.40 -7.80
N SER A 502 4.89 -11.59 -7.65
CA SER A 502 5.64 -12.47 -8.54
C SER A 502 5.54 -13.94 -8.14
N THR A 503 5.66 -14.21 -6.85
CA THR A 503 5.61 -15.57 -6.35
C THR A 503 4.32 -16.30 -6.73
N ILE A 504 3.19 -15.62 -6.58
CA ILE A 504 1.91 -16.26 -6.90
C ILE A 504 1.78 -16.56 -8.40
N GLN A 505 2.52 -15.84 -9.22
CA GLN A 505 2.53 -16.07 -10.67
C GLN A 505 3.44 -17.26 -10.97
N ASP A 506 4.68 -17.21 -10.48
CA ASP A 506 5.65 -18.28 -10.71
C ASP A 506 5.14 -19.61 -10.19
N ARG A 507 4.37 -19.57 -9.11
CA ARG A 507 3.88 -20.81 -8.54
C ARG A 507 2.71 -21.33 -9.39
N GLY A 508 2.21 -20.49 -10.29
CA GLY A 508 1.12 -20.87 -11.17
C GLY A 508 -0.28 -20.71 -10.63
N TYR A 509 -0.44 -19.91 -9.59
CA TYR A 509 -1.75 -19.71 -8.97
C TYR A 509 -2.63 -18.69 -9.69
N VAL A 510 -2.01 -17.66 -10.24
CA VAL A 510 -2.72 -16.63 -10.99
C VAL A 510 -1.80 -16.29 -12.16
N ARG A 511 -2.32 -15.51 -13.10
CA ARG A 511 -1.54 -15.08 -14.25
C ARG A 511 -1.93 -13.64 -14.56
N VAL A 512 -1.05 -12.90 -15.22
CA VAL A 512 -1.31 -11.53 -15.59
C VAL A 512 -1.50 -11.42 -17.10
N GLU A 513 -2.54 -10.72 -17.51
CA GLU A 513 -2.81 -10.53 -18.93
C GLU A 513 -3.40 -9.14 -19.09
N ASN A 514 -2.87 -8.36 -20.03
CA ASN A 514 -3.33 -7.00 -20.25
C ASN A 514 -3.18 -6.25 -18.94
N ARG A 515 -2.11 -6.56 -18.21
CA ARG A 515 -1.83 -5.94 -16.92
C ARG A 515 -2.95 -6.16 -15.91
N ARG A 516 -3.64 -7.28 -16.01
CA ARG A 516 -4.72 -7.59 -15.08
C ARG A 516 -4.59 -9.05 -14.65
N PHE A 517 -4.97 -9.32 -13.40
CA PHE A 517 -4.88 -10.67 -12.86
C PHE A 517 -6.04 -11.58 -13.22
N TYR A 518 -5.73 -12.84 -13.42
CA TYR A 518 -6.71 -13.88 -13.70
C TYR A 518 -6.33 -15.05 -12.81
N ALA A 519 -7.31 -15.66 -12.16
CA ALA A 519 -7.02 -16.80 -11.30
C ALA A 519 -6.82 -18.04 -12.16
N GLU A 520 -5.82 -18.85 -11.85
CA GLU A 520 -5.61 -20.08 -12.61
C GLU A 520 -6.35 -21.19 -11.85
N LYS A 521 -6.73 -22.24 -12.57
CA LYS A 521 -7.43 -23.35 -11.96
C LYS A 521 -6.71 -23.85 -10.69
N MET A 522 -5.39 -23.97 -10.77
CA MET A 522 -4.62 -24.44 -9.63
C MET A 522 -4.81 -23.54 -8.41
N GLY A 523 -4.89 -22.23 -8.64
CA GLY A 523 -5.09 -21.28 -7.55
C GLY A 523 -6.41 -21.54 -6.85
N GLU A 524 -7.44 -21.84 -7.64
CA GLU A 524 -8.75 -22.11 -7.06
C GLU A 524 -8.71 -23.39 -6.26
N ILE A 525 -8.07 -24.42 -6.83
CA ILE A 525 -7.94 -25.74 -6.20
C ILE A 525 -7.26 -25.64 -4.83
N VAL A 526 -6.14 -24.93 -4.78
CA VAL A 526 -5.38 -24.77 -3.55
C VAL A 526 -6.13 -23.91 -2.54
N THR A 527 -6.75 -22.83 -3.02
CA THR A 527 -7.51 -21.94 -2.16
C THR A 527 -8.68 -22.66 -1.49
N ASP A 528 -9.37 -23.51 -2.25
CA ASP A 528 -10.48 -24.25 -1.67
C ASP A 528 -9.97 -25.27 -0.64
N ARG A 529 -8.88 -25.97 -0.96
CA ARG A 529 -8.33 -26.95 -0.02
C ARG A 529 -7.89 -26.27 1.27
N LEU A 530 -7.11 -25.19 1.14
CA LEU A 530 -6.63 -24.47 2.31
C LEU A 530 -7.79 -23.91 3.14
N GLU A 531 -8.83 -23.41 2.50
CA GLU A 531 -9.96 -22.88 3.26
C GLU A 531 -10.68 -24.01 3.98
N GLU A 532 -10.70 -25.18 3.37
CA GLU A 532 -11.35 -26.33 3.96
C GLU A 532 -10.61 -26.83 5.20
N ASN A 533 -9.30 -27.01 5.09
CA ASN A 533 -8.51 -27.56 6.19
C ASN A 533 -7.68 -26.61 7.08
N PHE A 534 -7.60 -25.33 6.71
CA PHE A 534 -6.85 -24.35 7.50
C PHE A 534 -7.58 -23.02 7.48
N ARG A 535 -8.85 -23.04 7.88
CA ARG A 535 -9.71 -21.85 7.91
C ARG A 535 -9.08 -20.62 8.57
N GLU A 536 -8.50 -20.82 9.75
CA GLU A 536 -7.84 -19.73 10.51
C GLU A 536 -6.76 -19.04 9.68
N LEU A 537 -5.86 -19.85 9.13
CA LEU A 537 -4.75 -19.35 8.33
C LEU A 537 -5.24 -18.61 7.09
N MET A 538 -6.38 -19.05 6.54
CA MET A 538 -6.94 -18.45 5.34
C MET A 538 -7.81 -17.25 5.59
N ASN A 539 -8.01 -16.91 6.86
CA ASN A 539 -8.81 -15.74 7.16
C ASN A 539 -7.93 -14.52 6.91
N TYR A 540 -8.48 -13.51 6.25
CA TYR A 540 -7.71 -12.31 5.94
C TYR A 540 -7.11 -11.64 7.16
N ASP A 541 -7.81 -11.65 8.30
CA ASP A 541 -7.31 -11.01 9.50
C ASP A 541 -6.31 -11.80 10.32
N PHE A 542 -5.89 -12.96 9.82
CA PHE A 542 -4.92 -13.76 10.54
C PHE A 542 -3.68 -12.93 10.89
N THR A 543 -3.21 -12.12 9.94
CA THR A 543 -2.03 -11.30 10.18
C THR A 543 -2.29 -10.28 11.28
N ALA A 544 -3.42 -9.58 11.21
CA ALA A 544 -3.77 -8.59 12.22
C ALA A 544 -3.79 -9.24 13.59
N GLN A 545 -4.44 -10.40 13.70
CA GLN A 545 -4.48 -11.13 14.95
C GLN A 545 -3.09 -11.52 15.41
N MET A 546 -2.23 -11.90 14.46
CA MET A 546 -0.86 -12.27 14.80
C MET A 546 -0.09 -11.07 15.33
N GLU A 547 -0.27 -9.92 14.69
CA GLU A 547 0.40 -8.71 15.10
C GLU A 547 0.09 -8.34 16.55
N ASN A 548 -1.15 -8.58 16.98
CA ASN A 548 -1.57 -8.27 18.34
C ASN A 548 -0.79 -9.12 19.32
N SER A 549 -0.71 -10.41 19.03
CA SER A 549 0.01 -11.35 19.89
C SER A 549 1.51 -11.02 19.89
N LEU A 550 2.05 -10.59 18.76
CA LEU A 550 3.47 -10.24 18.68
C LEU A 550 3.75 -8.98 19.50
N ASP A 551 2.81 -8.03 19.49
CA ASP A 551 2.99 -6.82 20.28
C ASP A 551 3.01 -7.16 21.77
N GLN A 552 2.16 -8.10 22.17
CA GLN A 552 2.11 -8.53 23.56
C GLN A 552 3.45 -9.10 24.00
N VAL A 553 4.12 -9.81 23.11
CA VAL A 553 5.43 -10.36 23.41
C VAL A 553 6.43 -9.21 23.52
N ALA A 554 6.29 -8.24 22.64
CA ALA A 554 7.19 -7.10 22.65
C ALA A 554 6.98 -6.23 23.89
N ASN A 555 5.78 -6.28 24.47
CA ASN A 555 5.48 -5.49 25.65
C ASN A 555 5.38 -6.29 26.94
N HIS A 556 6.16 -7.36 27.05
CA HIS A 556 6.17 -8.16 28.28
C HIS A 556 4.78 -8.54 28.80
N GLU A 557 3.81 -8.67 27.90
CA GLU A 557 2.45 -9.06 28.27
C GLU A 557 2.20 -10.52 27.87
N ALA A 558 3.25 -11.19 27.43
CA ALA A 558 3.20 -12.58 27.01
C ALA A 558 4.61 -13.05 26.73
N GLU A 559 4.84 -14.35 26.78
CA GLU A 559 6.16 -14.91 26.53
C GLU A 559 6.15 -15.55 25.14
N TRP A 560 7.22 -15.34 24.36
CA TRP A 560 7.28 -15.83 23.00
C TRP A 560 7.16 -17.34 22.79
N LYS A 561 7.89 -18.14 23.56
CA LYS A 561 7.80 -19.59 23.39
C LYS A 561 6.39 -20.11 23.72
N ALA A 562 5.77 -19.49 24.72
CA ALA A 562 4.43 -19.89 25.09
C ALA A 562 3.46 -19.56 23.94
N VAL A 563 3.65 -18.40 23.34
CA VAL A 563 2.80 -17.97 22.25
C VAL A 563 2.97 -18.89 21.05
N LEU A 564 4.21 -19.30 20.77
CA LEU A 564 4.46 -20.21 19.66
C LEU A 564 3.86 -21.59 19.98
N ASP A 565 3.95 -22.01 21.24
CA ASP A 565 3.40 -23.31 21.65
C ASP A 565 1.88 -23.34 21.43
N HIS A 566 1.19 -22.26 21.79
CA HIS A 566 -0.26 -22.24 21.59
C HIS A 566 -0.53 -22.37 20.09
N PHE A 567 0.12 -21.50 19.31
CA PHE A 567 0.00 -21.48 17.85
C PHE A 567 0.22 -22.88 17.27
N PHE A 568 1.37 -23.46 17.62
CA PHE A 568 1.73 -24.78 17.10
C PHE A 568 0.71 -25.85 17.43
N SER A 569 0.12 -25.78 18.62
CA SER A 569 -0.88 -26.76 19.03
C SER A 569 -2.10 -26.70 18.14
N ASP A 570 -2.55 -25.48 17.85
CA ASP A 570 -3.70 -25.30 16.97
C ASP A 570 -3.34 -25.77 15.57
N PHE A 571 -2.21 -25.28 15.07
CA PHE A 571 -1.75 -25.64 13.74
C PHE A 571 -1.62 -27.16 13.55
N THR A 572 -0.99 -27.85 14.50
CA THR A 572 -0.81 -29.30 14.38
C THR A 572 -2.14 -30.04 14.43
N GLN A 573 -3.11 -29.45 15.11
CA GLN A 573 -4.42 -30.06 15.21
C GLN A 573 -5.04 -30.05 13.82
N GLN A 574 -4.82 -28.96 13.09
CA GLN A 574 -5.36 -28.81 11.74
C GLN A 574 -4.57 -29.67 10.75
N LEU A 575 -3.24 -29.63 10.85
CA LEU A 575 -2.40 -30.39 9.96
C LEU A 575 -2.68 -31.89 10.05
N ASP A 576 -2.69 -32.42 11.27
CA ASP A 576 -2.97 -33.84 11.45
C ASP A 576 -4.33 -34.22 10.87
N LYS A 577 -5.33 -33.39 11.13
CA LYS A 577 -6.67 -33.65 10.60
C LYS A 577 -6.64 -33.65 9.06
N ALA A 578 -5.88 -32.72 8.47
CA ALA A 578 -5.78 -32.62 7.01
C ALA A 578 -5.09 -33.83 6.38
N GLU A 579 -4.15 -34.43 7.12
CA GLU A 579 -3.41 -35.60 6.65
C GLU A 579 -4.29 -36.83 6.43
N LYS A 580 -5.40 -36.91 7.17
CA LYS A 580 -6.31 -38.04 7.08
C LYS A 580 -7.04 -38.17 5.74
N ASP A 581 -7.79 -39.26 5.62
CA ASP A 581 -8.55 -39.54 4.41
C ASP A 581 -9.76 -38.60 4.37
N PRO A 582 -10.13 -38.15 3.16
CA PRO A 582 -11.26 -37.25 2.94
C PRO A 582 -12.51 -37.56 3.78
N GLU A 583 -12.76 -38.85 4.02
CA GLU A 583 -13.92 -39.26 4.81
C GLU A 583 -13.77 -38.92 6.30
N GLU A 584 -12.53 -38.86 6.78
CA GLU A 584 -12.27 -38.55 8.18
C GLU A 584 -12.09 -37.05 8.37
N GLY A 585 -12.27 -36.28 7.29
CA GLY A 585 -12.11 -34.85 7.37
C GLY A 585 -10.79 -34.38 6.79
N GLY A 586 -10.06 -35.30 6.17
CA GLY A 586 -8.78 -34.93 5.58
C GLY A 586 -8.90 -34.08 4.33
N MET A 587 -7.77 -33.61 3.84
CA MET A 587 -7.74 -32.77 2.64
C MET A 587 -8.10 -33.59 1.40
N ARG A 588 -9.02 -33.06 0.59
CA ARG A 588 -9.41 -33.71 -0.65
C ARG A 588 -8.25 -33.72 -1.62
N PRO A 589 -7.92 -34.88 -2.17
CA PRO A 589 -6.82 -34.90 -3.14
C PRO A 589 -7.46 -34.44 -4.45
N ASN A 590 -6.68 -34.04 -5.46
CA ASN A 590 -7.31 -33.58 -6.69
C ASN A 590 -7.87 -34.73 -7.54
#